data_4YII
#
_entry.id   4YII
#
_cell.length_a   133.113
_cell.length_b   33.188
_cell.length_c   51.963
_cell.angle_alpha   90.00
_cell.angle_beta   100.12
_cell.angle_gamma   90.00
#
_symmetry.space_group_name_H-M   'C 1 2 1'
#
loop_
_entity.id
_entity.type
_entity.pdbx_description
1 polymer 'Ubiquitin-conjugating enzyme E2 C'
2 polymer 'Anaphase-promoting complex subunit 2'
3 water water
#
loop_
_entity_poly.entity_id
_entity_poly.type
_entity_poly.pdbx_seq_one_letter_code
_entity_poly.pdbx_strand_id
1 'polypeptide(L)'
;GSARGPVGKRLQQELMTLMMSGDKGISAFPESDNLFKWVGTIHGAAGTVYEDLRYKLSLEFPSGYPYNAPTVKFLTPCYH
PNVDTQGNICLDILKEKWSALYDVRTILLSIQSLLGEPNIDSPLNTHAAELWKNPTAFKKYLQETYSKQVTSQEP
;
U
2 'polypeptide(L)'
;GSESDSGMASQADQKEEELLLFWTYIQAMLTNLESLSLDRIYNMLRMFVVTGPALAEIDLQELQGYLQKKVRDQQLVYSA
GVYRLPKNCS
;
A
#
# COMPACT_ATOMS: atom_id res chain seq x y z
N GLY A 5 -22.33 -1.03 -5.31
CA GLY A 5 -21.97 -0.25 -6.48
C GLY A 5 -20.94 -0.90 -7.40
N PRO A 6 -20.92 -0.50 -8.69
CA PRO A 6 -20.01 -1.04 -9.71
C PRO A 6 -18.54 -0.65 -9.49
N VAL A 7 -18.34 0.56 -8.99
CA VAL A 7 -17.01 1.05 -8.72
C VAL A 7 -16.49 0.36 -7.47
N GLY A 8 -17.35 0.21 -6.47
CA GLY A 8 -16.97 -0.53 -5.28
C GLY A 8 -16.69 -2.00 -5.61
N LYS A 9 -17.44 -2.58 -6.54
CA LYS A 9 -17.21 -3.96 -6.99
C LYS A 9 -15.83 -4.08 -7.62
N ARG A 10 -15.58 -3.19 -8.58
CA ARG A 10 -14.26 -3.03 -9.16
C ARG A 10 -13.11 -2.91 -8.13
N LEU A 11 -13.30 -2.11 -7.09
CA LEU A 11 -12.21 -1.91 -6.12
C LEU A 11 -12.05 -3.14 -5.23
N GLN A 12 -13.15 -3.85 -4.96
CA GLN A 12 -13.06 -5.14 -4.28
C GLN A 12 -12.23 -6.15 -5.08
N GLN A 13 -12.46 -6.15 -6.39
CA GLN A 13 -11.71 -7.02 -7.28
C GLN A 13 -10.23 -6.61 -7.36
N GLU A 14 -9.96 -5.31 -7.48
CA GLU A 14 -8.56 -4.82 -7.46
C GLU A 14 -7.83 -5.24 -6.15
N LEU A 15 -8.56 -5.14 -5.04
CA LEU A 15 -7.99 -5.59 -3.76
C LEU A 15 -7.63 -7.08 -3.79
N MET A 16 -8.60 -7.91 -4.21
CA MET A 16 -8.33 -9.34 -4.28
C MET A 16 -7.17 -9.69 -5.22
N THR A 17 -7.15 -9.08 -6.41
CA THR A 17 -6.02 -9.24 -7.32
C THR A 17 -4.68 -8.90 -6.65
N LEU A 18 -4.61 -7.75 -6.00
CA LEU A 18 -3.39 -7.41 -5.28
C LEU A 18 -3.02 -8.43 -4.18
N MET A 19 -4.01 -8.88 -3.42
CA MET A 19 -3.79 -9.88 -2.37
C MET A 19 -3.24 -11.18 -2.93
N MET A 20 -3.75 -11.58 -4.10
CA MET A 20 -3.35 -12.85 -4.70
C MET A 20 -2.03 -12.73 -5.46
N SER A 21 -1.59 -11.52 -5.76
CA SER A 21 -0.46 -11.38 -6.69
C SER A 21 0.95 -11.60 -6.11
N GLY A 22 1.09 -11.45 -4.80
CA GLY A 22 2.38 -11.59 -4.13
C GLY A 22 3.56 -10.75 -4.61
N ASP A 23 3.32 -9.55 -5.13
CA ASP A 23 4.40 -8.68 -5.58
C ASP A 23 5.24 -8.19 -4.39
N LYS A 24 6.56 -8.20 -4.55
CA LYS A 24 7.48 -7.90 -3.46
C LYS A 24 7.54 -6.40 -3.13
N GLY A 25 7.45 -6.07 -1.86
CA GLY A 25 7.69 -4.69 -1.44
C GLY A 25 6.61 -3.69 -1.81
N ILE A 26 5.43 -4.19 -2.18
CA ILE A 26 4.31 -3.30 -2.35
C ILE A 26 3.13 -3.92 -1.62
N SER A 27 2.26 -3.06 -1.10
CA SER A 27 1.03 -3.51 -0.44
C SER A 27 0.06 -2.34 -0.43
N ALA A 28 -1.23 -2.63 -0.22
CA ALA A 28 -2.17 -1.54 0.03
C ALA A 28 -3.41 -2.13 0.69
N PHE A 29 -4.27 -1.28 1.22
CA PHE A 29 -5.51 -1.78 1.83
C PHE A 29 -6.39 -0.60 2.15
N PRO A 30 -7.70 -0.78 1.93
CA PRO A 30 -8.70 0.23 2.27
C PRO A 30 -8.51 0.70 3.70
N GLU A 31 -8.60 2.01 3.88
CA GLU A 31 -8.30 2.58 5.16
C GLU A 31 -9.60 2.62 5.90
N SER A 32 -9.70 1.81 6.93
CA SER A 32 -10.95 1.67 7.68
C SER A 32 -12.18 1.44 6.80
N ASP A 33 -13.21 2.24 7.05
CA ASP A 33 -14.51 2.05 6.39
C ASP A 33 -14.46 1.91 4.88
N ASN A 34 -14.11 3.00 4.18
CA ASN A 34 -14.39 3.05 2.75
C ASN A 34 -13.46 2.28 1.81
N LEU A 35 -14.09 1.66 0.83
CA LEU A 35 -13.38 1.16 -0.32
C LEU A 35 -12.74 2.30 -1.10
N PHE A 36 -13.11 3.55 -0.78
CA PHE A 36 -12.69 4.70 -1.60
C PHE A 36 -11.49 5.47 -1.08
N LYS A 37 -10.93 5.05 0.02
CA LYS A 37 -9.64 5.59 0.46
C LYS A 37 -8.79 4.47 1.02
N TRP A 38 -7.61 4.29 0.44
CA TRP A 38 -6.72 3.23 0.89
C TRP A 38 -5.39 3.81 1.38
N VAL A 39 -4.67 3.01 2.14
CA VAL A 39 -3.25 3.27 2.43
C VAL A 39 -2.41 2.26 1.70
N GLY A 40 -1.38 2.72 0.96
CA GLY A 40 -0.39 1.82 0.42
C GLY A 40 0.98 1.90 1.09
N THR A 41 1.80 0.90 0.84
CA THR A 41 3.14 0.82 1.36
C THR A 41 4.02 0.34 0.25
N ILE A 42 5.13 1.06 0.06
CA ILE A 42 6.08 0.72 -0.98
C ILE A 42 7.46 0.73 -0.35
N HIS A 43 8.22 -0.34 -0.60
CA HIS A 43 9.60 -0.49 -0.17
C HIS A 43 10.48 -0.25 -1.38
N GLY A 44 11.57 0.47 -1.17
CA GLY A 44 12.54 0.70 -2.24
C GLY A 44 13.10 -0.63 -2.68
N ALA A 45 13.29 -0.78 -4.00
CA ALA A 45 13.91 -2.00 -4.55
C ALA A 45 15.40 -2.16 -4.23
N ALA A 46 15.80 -3.42 -4.02
CA ALA A 46 17.20 -3.74 -3.77
C ALA A 46 18.05 -3.22 -4.93
N GLY A 47 19.25 -2.75 -4.61
CA GLY A 47 20.11 -2.15 -5.60
C GLY A 47 19.91 -0.66 -5.78
N THR A 48 18.74 -0.14 -5.38
CA THR A 48 18.54 1.30 -5.55
C THR A 48 18.96 2.05 -4.28
N VAL A 49 18.95 3.38 -4.33
CA VAL A 49 19.34 4.15 -3.15
C VAL A 49 18.24 4.10 -2.08
N TYR A 50 17.03 3.70 -2.49
CA TYR A 50 15.87 3.60 -1.60
C TYR A 50 15.77 2.22 -0.92
N GLU A 51 16.75 1.36 -1.12
CA GLU A 51 16.64 0.06 -0.48
C GLU A 51 16.68 0.27 1.03
N ASP A 52 15.85 -0.49 1.73
CA ASP A 52 15.78 -0.37 3.19
C ASP A 52 14.89 0.77 3.62
N LEU A 53 14.32 1.54 2.70
CA LEU A 53 13.35 2.58 3.10
C LEU A 53 11.94 2.21 2.73
N ARG A 54 11.00 2.55 3.59
CA ARG A 54 9.61 2.28 3.21
C ARG A 54 8.75 3.51 3.35
N TYR A 55 7.75 3.62 2.47
CA TYR A 55 6.92 4.83 2.38
C TYR A 55 5.47 4.40 2.41
N LYS A 56 4.65 5.18 3.13
CA LYS A 56 3.18 5.03 3.12
C LYS A 56 2.63 6.05 2.13
N LEU A 57 1.55 5.69 1.46
CA LEU A 57 0.92 6.55 0.47
C LEU A 57 -0.59 6.52 0.73
N SER A 58 -1.29 7.58 0.35
CA SER A 58 -2.74 7.56 0.38
C SER A 58 -3.21 7.43 -1.05
N LEU A 59 -4.28 6.65 -1.24
CA LEU A 59 -4.92 6.54 -2.56
C LEU A 59 -6.42 6.86 -2.38
N GLU A 60 -6.91 7.86 -3.09
CA GLU A 60 -8.30 8.25 -2.94
C GLU A 60 -8.98 8.07 -4.28
N PHE A 61 -10.15 7.43 -4.30
CA PHE A 61 -10.83 7.11 -5.57
C PHE A 61 -12.06 8.02 -5.74
N PRO A 62 -12.02 8.89 -6.75
CA PRO A 62 -13.01 9.94 -6.94
C PRO A 62 -14.31 9.41 -7.55
N SER A 63 -15.39 10.18 -7.44
CA SER A 63 -16.56 9.89 -8.26
C SER A 63 -16.04 9.88 -9.70
N GLY A 64 -16.44 8.86 -10.47
CA GLY A 64 -15.97 8.78 -11.83
C GLY A 64 -14.90 7.74 -12.06
N TYR A 65 -14.22 7.31 -10.99
CA TYR A 65 -13.27 6.22 -11.08
C TYR A 65 -14.03 5.07 -11.70
N PRO A 66 -13.35 4.21 -12.48
CA PRO A 66 -12.01 4.07 -13.05
C PRO A 66 -11.64 5.08 -14.13
N TYR A 67 -12.57 5.89 -14.64
CA TYR A 67 -12.25 6.80 -15.75
C TYR A 67 -11.51 8.05 -15.30
N ASN A 68 -11.78 8.46 -14.07
CA ASN A 68 -11.01 9.53 -13.43
C ASN A 68 -9.94 8.89 -12.58
N ALA A 69 -8.70 9.33 -12.78
CA ALA A 69 -7.55 8.76 -12.08
C ALA A 69 -7.67 8.91 -10.56
N PRO A 70 -7.18 7.91 -9.80
CA PRO A 70 -7.18 8.11 -8.35
C PRO A 70 -6.16 9.16 -7.93
N THR A 71 -6.39 9.86 -6.81
CA THR A 71 -5.40 10.79 -6.28
C THR A 71 -4.46 10.00 -5.38
N VAL A 72 -3.17 9.98 -5.72
CA VAL A 72 -2.18 9.22 -4.94
C VAL A 72 -1.09 10.16 -4.45
N LYS A 73 -0.78 10.10 -3.16
CA LYS A 73 0.19 11.04 -2.60
C LYS A 73 1.05 10.29 -1.61
N PHE A 74 2.32 10.68 -1.46
CA PHE A 74 3.09 10.12 -0.36
C PHE A 74 2.60 10.72 0.94
N LEU A 75 2.32 9.88 1.91
CA LEU A 75 2.12 10.29 3.30
C LEU A 75 3.48 10.43 4.02
N THR A 76 4.36 9.45 3.80
CA THR A 76 5.75 9.53 4.30
C THR A 76 6.47 10.53 3.40
N PRO A 77 7.10 11.58 3.99
CA PRO A 77 7.85 12.57 3.18
C PRO A 77 8.89 11.81 2.38
N CYS A 78 8.92 12.07 1.08
CA CYS A 78 9.74 11.30 0.18
C CYS A 78 10.65 12.28 -0.55
N TYR A 79 11.97 12.12 -0.38
CA TYR A 79 12.91 12.99 -1.10
C TYR A 79 13.22 12.28 -2.44
N HIS A 80 12.67 12.84 -3.54
CA HIS A 80 12.78 12.22 -4.86
C HIS A 80 12.64 13.33 -5.91
N PRO A 81 13.29 13.21 -7.08
CA PRO A 81 13.13 14.22 -8.13
C PRO A 81 11.66 14.51 -8.53
N ASN A 82 10.84 13.47 -8.55
CA ASN A 82 9.46 13.54 -9.07
C ASN A 82 8.37 13.72 -8.03
N VAL A 83 8.77 13.95 -6.80
CA VAL A 83 7.84 14.14 -5.70
C VAL A 83 7.99 15.53 -5.09
N ASP A 84 6.85 16.19 -4.89
CA ASP A 84 6.89 17.51 -4.25
C ASP A 84 6.77 17.44 -2.72
N THR A 85 6.87 18.60 -2.07
CA THR A 85 6.86 18.62 -0.61
C THR A 85 5.53 18.17 -0.01
N GLN A 86 4.46 18.29 -0.79
CA GLN A 86 3.12 17.97 -0.29
C GLN A 86 2.80 16.49 -0.50
N GLY A 87 3.75 15.75 -1.09
CA GLY A 87 3.57 14.33 -1.36
C GLY A 87 3.02 14.05 -2.76
N ASN A 88 2.88 15.08 -3.59
CA ASN A 88 2.35 14.89 -4.95
C ASN A 88 3.38 14.23 -5.84
N ILE A 89 2.95 13.38 -6.77
CA ILE A 89 3.87 12.62 -7.60
C ILE A 89 3.68 13.02 -9.04
N CYS A 90 4.76 13.33 -9.77
CA CYS A 90 4.60 13.56 -11.18
C CYS A 90 4.88 12.20 -11.81
N LEU A 91 3.82 11.54 -12.26
CA LEU A 91 3.93 10.22 -12.86
C LEU A 91 2.91 10.25 -14.02
N ASP A 92 3.35 9.91 -15.23
CA ASP A 92 2.50 10.04 -16.42
C ASP A 92 1.17 9.29 -16.27
N ILE A 93 1.24 8.05 -15.79
CA ILE A 93 0.01 7.23 -15.70
C ILE A 93 -1.02 7.78 -14.71
N LEU A 94 -0.62 8.67 -13.82
CA LEU A 94 -1.60 9.29 -12.94
C LEU A 94 -2.27 10.52 -13.53
N LYS A 95 -1.81 11.01 -14.67
CA LYS A 95 -2.52 12.13 -15.25
C LYS A 95 -2.98 11.91 -16.68
N GLU A 96 -2.09 12.12 -17.64
CA GLU A 96 -2.50 12.08 -19.05
C GLU A 96 -2.55 10.67 -19.60
N LYS A 97 -1.68 9.82 -19.10
CA LYS A 97 -1.62 8.44 -19.55
C LYS A 97 -2.51 7.48 -18.72
N TRP A 98 -3.33 8.00 -17.81
CA TRP A 98 -4.23 7.14 -17.04
C TRP A 98 -5.15 6.33 -17.95
N SER A 99 -5.14 5.01 -17.77
CA SER A 99 -6.04 4.12 -18.51
C SER A 99 -7.03 3.53 -17.53
N ALA A 100 -8.29 3.40 -17.96
CA ALA A 100 -9.31 2.78 -17.10
C ALA A 100 -9.08 1.29 -16.83
N LEU A 101 -8.10 0.68 -17.50
CA LEU A 101 -7.70 -0.71 -17.17
C LEU A 101 -6.72 -0.80 -15.99
N TYR A 102 -6.03 0.31 -15.69
CA TYR A 102 -5.06 0.31 -14.59
C TYR A 102 -5.73 -0.03 -13.29
N ASP A 103 -5.00 -0.74 -12.45
CA ASP A 103 -5.50 -1.05 -11.12
C ASP A 103 -4.53 -0.59 -10.05
N VAL A 104 -4.87 -0.81 -8.79
CA VAL A 104 -4.00 -0.42 -7.70
C VAL A 104 -2.63 -1.06 -7.83
N ARG A 105 -2.61 -2.36 -8.08
CA ARG A 105 -1.32 -3.03 -8.20
C ARG A 105 -0.40 -2.35 -9.23
N THR A 106 -0.99 -1.96 -10.37
CA THR A 106 -0.24 -1.28 -11.43
C THR A 106 0.33 0.02 -10.94
N ILE A 107 -0.50 0.78 -10.23
CA ILE A 107 -0.06 2.07 -9.73
C ILE A 107 1.12 1.91 -8.76
N LEU A 108 0.98 1.00 -7.79
CA LEU A 108 2.07 0.73 -6.83
C LEU A 108 3.35 0.26 -7.49
N LEU A 109 3.23 -0.66 -8.45
CA LEU A 109 4.48 -1.09 -9.13
C LEU A 109 5.11 0.06 -9.91
N SER A 110 4.27 0.91 -10.52
CA SER A 110 4.83 2.05 -11.25
C SER A 110 5.54 3.06 -10.36
N ILE A 111 4.95 3.37 -9.21
CA ILE A 111 5.61 4.25 -8.25
C ILE A 111 6.91 3.64 -7.70
N GLN A 112 6.87 2.36 -7.36
CA GLN A 112 8.07 1.68 -6.91
C GLN A 112 9.17 1.77 -7.97
N SER A 113 8.80 1.56 -9.22
CA SER A 113 9.74 1.72 -10.31
C SER A 113 10.27 3.15 -10.47
N LEU A 114 9.39 4.14 -10.33
CA LEU A 114 9.78 5.54 -10.34
C LEU A 114 10.85 5.89 -9.26
N LEU A 115 10.77 5.27 -8.08
CA LEU A 115 11.87 5.45 -7.09
C LEU A 115 13.28 5.24 -7.65
N GLY A 116 13.53 4.10 -8.29
CA GLY A 116 14.84 3.82 -8.83
C GLY A 116 15.13 4.44 -10.18
N GLU A 117 14.12 4.86 -10.92
CA GLU A 117 14.35 5.52 -12.23
C GLU A 117 13.51 6.77 -12.36
N PRO A 118 13.96 7.86 -11.74
CA PRO A 118 13.21 9.10 -11.81
C PRO A 118 13.26 9.68 -13.21
N ASN A 119 12.36 10.60 -13.53
CA ASN A 119 12.46 11.36 -14.77
C ASN A 119 13.02 12.75 -14.44
N ILE A 120 14.28 12.97 -14.83
CA ILE A 120 14.99 14.17 -14.40
C ILE A 120 14.56 15.38 -15.23
N ASP A 121 14.00 15.13 -16.41
CA ASP A 121 13.50 16.21 -17.25
C ASP A 121 12.17 16.79 -16.74
N SER A 122 11.48 16.08 -15.85
CA SER A 122 10.25 16.60 -15.25
C SER A 122 10.27 16.61 -13.71
N PRO A 123 11.21 17.38 -13.12
CA PRO A 123 11.39 17.46 -11.66
C PRO A 123 10.29 18.24 -10.91
N LEU A 124 9.76 17.67 -9.83
CA LEU A 124 9.09 18.46 -8.80
C LEU A 124 10.01 18.86 -7.66
N ASN A 125 11.18 18.22 -7.56
CA ASN A 125 12.16 18.62 -6.55
C ASN A 125 13.49 18.78 -7.27
N THR A 126 13.94 20.03 -7.41
CA THR A 126 15.10 20.32 -8.25
C THR A 126 16.38 19.95 -7.52
N HIS A 127 16.38 20.14 -6.20
N HIS A 127 16.38 20.11 -6.21
CA HIS A 127 17.52 19.74 -5.38
CA HIS A 127 17.54 19.74 -5.42
C HIS A 127 17.80 18.26 -5.62
C HIS A 127 17.81 18.24 -5.56
N ALA A 128 16.76 17.43 -5.47
CA ALA A 128 16.92 16.00 -5.65
C ALA A 128 17.31 15.65 -7.05
N ALA A 129 16.70 16.32 -8.04
CA ALA A 129 17.04 16.08 -9.43
C ALA A 129 18.55 16.34 -9.69
N GLU A 130 19.06 17.40 -9.12
CA GLU A 130 20.48 17.76 -9.36
C GLU A 130 21.40 16.81 -8.61
N LEU A 131 20.96 16.38 -7.43
CA LEU A 131 21.80 15.51 -6.60
C LEU A 131 21.80 14.09 -7.11
N TRP A 132 20.75 13.71 -7.86
CA TRP A 132 20.60 12.35 -8.33
C TRP A 132 21.84 11.78 -9.03
N LYS A 133 22.58 12.61 -9.75
CA LYS A 133 23.70 12.10 -10.55
C LYS A 133 24.86 11.62 -9.69
N ASN A 134 24.79 11.92 -8.39
CA ASN A 134 25.81 11.55 -7.44
C ASN A 134 25.20 10.64 -6.41
N PRO A 135 25.17 9.32 -6.70
CA PRO A 135 24.37 8.36 -5.92
C PRO A 135 24.86 8.15 -4.46
N THR A 136 26.16 8.24 -4.18
CA THR A 136 26.59 8.06 -2.79
C THR A 136 26.16 9.29 -1.94
N ALA A 137 26.29 10.49 -2.52
CA ALA A 137 25.82 11.71 -1.85
C ALA A 137 24.28 11.76 -1.77
N PHE A 138 23.62 11.37 -2.85
CA PHE A 138 22.16 11.28 -2.80
C PHE A 138 21.76 10.32 -1.70
N LYS A 139 22.38 9.14 -1.64
CA LYS A 139 21.86 8.14 -0.71
C LYS A 139 22.09 8.61 0.72
N LYS A 140 23.28 9.17 0.97
CA LYS A 140 23.57 9.68 2.32
C LYS A 140 22.58 10.75 2.74
N TYR A 141 22.37 11.74 1.88
CA TYR A 141 21.37 12.77 2.19
C TYR A 141 19.92 12.20 2.38
N LEU A 142 19.49 11.35 1.45
CA LEU A 142 18.18 10.65 1.55
C LEU A 142 18.04 9.94 2.92
N GLN A 143 19.03 9.13 3.29
CA GLN A 143 18.92 8.29 4.48
C GLN A 143 18.95 9.13 5.73
N GLU A 144 19.83 10.12 5.73
CA GLU A 144 19.95 10.96 6.91
C GLU A 144 18.76 11.93 7.11
N THR A 145 18.08 12.33 6.03
CA THR A 145 16.87 13.16 6.16
C THR A 145 15.52 12.40 6.22
N TYR A 146 15.54 11.11 5.92
CA TYR A 146 14.39 10.23 6.09
C TYR A 146 14.20 10.14 7.60
N SER A 147 15.33 9.91 8.27
CA SER A 147 15.44 9.90 9.73
C SER A 147 15.03 11.23 10.42
N LYS A 148 15.37 12.37 9.80
CA LYS A 148 14.99 13.68 10.35
C LYS A 148 13.48 13.89 10.24
N GLN A 149 12.94 13.61 9.06
CA GLN A 149 11.51 13.75 8.83
C GLN A 149 10.85 12.38 8.75
N LYS B 15 -12.73 -24.63 2.33
CA LYS B 15 -12.47 -23.94 3.59
C LYS B 15 -10.98 -23.58 3.77
N GLU B 16 -10.10 -24.43 3.26
CA GLU B 16 -8.65 -24.22 3.36
C GLU B 16 -8.23 -22.99 2.58
N GLU B 17 -8.65 -22.95 1.31
CA GLU B 17 -8.36 -21.79 0.45
C GLU B 17 -8.88 -20.51 1.10
N GLU B 18 -10.00 -20.65 1.81
CA GLU B 18 -10.59 -19.58 2.60
C GLU B 18 -9.66 -19.12 3.73
N LEU B 19 -9.23 -20.02 4.62
CA LEU B 19 -8.46 -19.60 5.79
C LEU B 19 -7.03 -19.07 5.47
N LEU B 20 -6.39 -19.67 4.47
CA LEU B 20 -5.16 -19.11 3.92
C LEU B 20 -5.42 -17.77 3.24
N LEU B 21 -6.59 -17.62 2.60
CA LEU B 21 -6.86 -16.34 1.96
C LEU B 21 -7.01 -15.23 3.03
N PHE B 22 -7.73 -15.58 4.08
CA PHE B 22 -7.94 -14.67 5.22
C PHE B 22 -6.58 -14.23 5.70
N TRP B 23 -5.64 -15.17 5.90
CA TRP B 23 -4.30 -14.79 6.39
C TRP B 23 -3.58 -13.81 5.45
N THR B 24 -3.61 -14.06 4.15
CA THR B 24 -3.10 -13.04 3.23
C THR B 24 -3.70 -11.61 3.46
N TYR B 25 -5.03 -11.52 3.55
CA TYR B 25 -5.66 -10.21 3.76
C TYR B 25 -5.31 -9.60 5.14
N ILE B 26 -5.22 -10.44 6.14
CA ILE B 26 -4.86 -10.01 7.51
C ILE B 26 -3.45 -9.43 7.52
N GLN B 27 -2.49 -10.14 6.93
CA GLN B 27 -1.15 -9.56 6.74
C GLN B 27 -1.15 -8.21 6.04
N ALA B 28 -1.94 -8.03 4.97
CA ALA B 28 -1.94 -6.72 4.30
C ALA B 28 -2.59 -5.60 5.12
N MET B 29 -3.68 -5.94 5.80
CA MET B 29 -4.40 -5.00 6.65
C MET B 29 -3.40 -4.49 7.69
N LEU B 30 -2.64 -5.41 8.27
CA LEU B 30 -1.74 -5.01 9.35
C LEU B 30 -0.49 -4.29 8.84
N THR B 31 0.01 -4.70 7.68
CA THR B 31 1.14 -4.01 7.06
C THR B 31 0.83 -2.55 6.84
N ASN B 32 -0.34 -2.28 6.28
CA ASN B 32 -0.74 -0.91 5.95
C ASN B 32 -1.32 -0.08 7.11
N LEU B 33 -2.10 -0.70 7.96
CA LEU B 33 -2.79 0.03 9.05
C LEU B 33 -2.15 -0.11 10.42
N GLU B 34 -1.12 -0.93 10.46
CA GLU B 34 -0.16 -1.16 11.58
C GLU B 34 -0.66 -1.91 12.84
N SER B 35 -1.88 -1.63 13.30
CA SER B 35 -2.46 -2.44 14.37
C SER B 35 -3.97 -2.31 14.30
N LEU B 36 -4.63 -3.40 14.67
CA LEU B 36 -6.08 -3.48 14.58
C LEU B 36 -6.61 -4.34 15.70
N SER B 37 -7.75 -3.94 16.25
CA SER B 37 -8.50 -4.77 17.19
C SER B 37 -9.15 -5.93 16.46
N LEU B 38 -9.52 -6.95 17.23
CA LEU B 38 -10.33 -8.06 16.68
C LEU B 38 -11.54 -7.56 15.89
N ASP B 39 -12.32 -6.64 16.47
CA ASP B 39 -13.49 -6.06 15.81
C ASP B 39 -13.17 -5.46 14.45
N ARG B 40 -12.10 -4.67 14.39
CA ARG B 40 -11.75 -4.09 13.09
C ARG B 40 -11.33 -5.14 12.04
N ILE B 41 -10.55 -6.13 12.45
CA ILE B 41 -10.14 -7.25 11.55
C ILE B 41 -11.38 -7.98 11.06
N TYR B 42 -12.24 -8.35 12.00
CA TYR B 42 -13.50 -9.01 11.67
C TYR B 42 -14.31 -8.21 10.63
N ASN B 43 -14.53 -6.93 10.90
CA ASN B 43 -15.32 -6.11 9.97
C ASN B 43 -14.68 -5.95 8.59
N MET B 44 -13.35 -5.79 8.55
CA MET B 44 -12.69 -5.74 7.24
C MET B 44 -12.78 -7.05 6.43
N LEU B 45 -12.61 -8.19 7.10
CA LEU B 45 -12.82 -9.48 6.42
C LEU B 45 -14.28 -9.63 5.94
N ARG B 46 -15.22 -9.19 6.75
CA ARG B 46 -16.63 -9.27 6.33
C ARG B 46 -16.87 -8.43 5.08
N MET B 47 -16.35 -7.21 5.07
CA MET B 47 -16.60 -6.34 3.94
C MET B 47 -15.85 -6.72 2.68
N PHE B 48 -14.62 -7.19 2.82
CA PHE B 48 -13.74 -7.45 1.65
C PHE B 48 -13.52 -8.91 1.27
N VAL B 49 -13.97 -9.81 2.11
CA VAL B 49 -13.78 -11.24 1.85
C VAL B 49 -15.12 -12.00 1.90
N VAL B 50 -15.82 -11.91 3.03
CA VAL B 50 -17.13 -12.57 3.18
C VAL B 50 -18.18 -12.07 2.18
N THR B 51 -18.34 -10.75 2.07
CA THR B 51 -19.19 -10.15 1.04
C THR B 51 -18.40 -9.66 -0.17
N GLY B 52 -17.10 -9.94 -0.17
CA GLY B 52 -16.20 -9.59 -1.25
C GLY B 52 -16.24 -10.67 -2.31
N PRO B 53 -15.44 -10.50 -3.38
CA PRO B 53 -15.52 -11.43 -4.54
C PRO B 53 -15.27 -12.91 -4.18
N ALA B 54 -14.55 -13.16 -3.10
CA ALA B 54 -14.28 -14.52 -2.64
C ALA B 54 -15.52 -15.24 -2.12
N LEU B 55 -16.48 -14.49 -1.58
CA LEU B 55 -17.68 -15.08 -1.00
C LEU B 55 -17.32 -16.16 0.05
N ALA B 56 -16.37 -15.84 0.93
CA ALA B 56 -15.85 -16.78 1.93
C ALA B 56 -16.39 -16.50 3.34
N GLU B 57 -16.95 -17.51 3.98
CA GLU B 57 -17.59 -17.35 5.29
C GLU B 57 -16.64 -17.43 6.49
N ILE B 58 -16.85 -16.55 7.46
CA ILE B 58 -16.18 -16.65 8.75
C ILE B 58 -17.05 -16.00 9.81
N ASP B 59 -16.98 -16.55 11.02
CA ASP B 59 -17.68 -15.98 12.16
C ASP B 59 -16.64 -15.65 13.23
N LEU B 60 -17.08 -14.83 14.19
CA LEU B 60 -16.14 -14.15 15.06
C LEU B 60 -15.32 -15.12 15.89
N GLN B 61 -15.97 -16.15 16.44
CA GLN B 61 -15.27 -17.08 17.31
C GLN B 61 -14.13 -17.78 16.58
N GLU B 62 -14.43 -18.24 15.38
CA GLU B 62 -13.44 -18.88 14.53
C GLU B 62 -12.28 -17.94 14.25
N LEU B 63 -12.61 -16.69 13.94
CA LEU B 63 -11.56 -15.72 13.65
C LEU B 63 -10.68 -15.52 14.89
N GLN B 64 -11.30 -15.40 16.06
CA GLN B 64 -10.51 -15.13 17.24
C GLN B 64 -9.58 -16.32 17.52
N GLY B 65 -10.12 -17.53 17.44
CA GLY B 65 -9.30 -18.73 17.58
C GLY B 65 -8.13 -18.76 16.61
N TYR B 66 -8.40 -18.40 15.36
CA TYR B 66 -7.38 -18.30 14.33
C TYR B 66 -6.26 -17.29 14.64
N LEU B 67 -6.64 -16.08 15.07
CA LEU B 67 -5.63 -15.06 15.35
C LEU B 67 -4.81 -15.49 16.58
N GLN B 68 -5.48 -16.18 17.50
CA GLN B 68 -4.82 -16.68 18.71
C GLN B 68 -3.80 -17.76 18.39
N LYS B 69 -4.15 -18.67 17.47
CA LYS B 69 -3.17 -19.63 16.99
C LYS B 69 -2.01 -18.92 16.30
N LYS B 70 -2.29 -17.88 15.50
CA LYS B 70 -1.20 -17.09 14.94
C LYS B 70 -0.31 -16.42 15.99
N VAL B 71 -0.88 -15.96 17.09
CA VAL B 71 -0.07 -15.34 18.13
C VAL B 71 0.78 -16.39 18.88
N ARG B 72 0.22 -17.58 19.10
CA ARG B 72 0.95 -18.67 19.73
C ARG B 72 2.20 -19.03 18.92
N ASP B 73 2.05 -19.02 17.61
CA ASP B 73 3.09 -19.43 16.67
C ASP B 73 3.97 -18.26 16.25
N GLN B 74 3.73 -17.13 16.91
CA GLN B 74 4.51 -15.90 16.74
C GLN B 74 4.47 -15.35 15.32
N GLN B 75 3.39 -15.65 14.60
CA GLN B 75 3.16 -15.00 13.31
C GLN B 75 2.46 -13.67 13.51
N LEU B 76 1.88 -13.52 14.71
CA LEU B 76 1.21 -12.28 15.13
C LEU B 76 1.58 -11.92 16.59
N VAL B 77 1.55 -10.63 16.90
CA VAL B 77 1.69 -10.14 18.26
C VAL B 77 0.35 -9.56 18.77
N TYR B 78 0.00 -9.87 20.02
CA TYR B 78 -1.18 -9.27 20.64
C TYR B 78 -0.77 -8.49 21.87
N SER B 79 -0.96 -7.18 21.82
CA SER B 79 -0.56 -6.34 22.96
C SER B 79 -1.38 -5.08 23.02
N ALA B 80 -1.63 -4.57 24.22
CA ALA B 80 -2.52 -3.44 24.41
C ALA B 80 -3.87 -3.59 23.70
N GLY B 81 -4.42 -4.81 23.73
CA GLY B 81 -5.77 -5.08 23.26
C GLY B 81 -5.89 -5.20 21.74
N VAL B 82 -4.77 -5.17 21.02
CA VAL B 82 -4.80 -5.16 19.56
C VAL B 82 -3.76 -6.10 18.96
N TYR B 83 -3.94 -6.41 17.66
CA TYR B 83 -3.01 -7.27 16.91
C TYR B 83 -2.05 -6.48 16.04
N ARG B 84 -0.84 -7.02 15.87
CA ARG B 84 0.22 -6.42 15.12
C ARG B 84 1.06 -7.52 14.50
N LEU B 85 1.78 -7.16 13.45
CA LEU B 85 2.77 -8.06 12.87
C LEU B 85 4.04 -7.96 13.74
N PRO B 86 4.75 -9.07 13.89
CA PRO B 86 6.02 -8.96 14.62
C PRO B 86 7.03 -8.16 13.81
#